data_6YNK
#
_entry.id   6YNK
#
_cell.length_a   39.620
_cell.length_b   103.630
_cell.length_c   41.960
_cell.angle_alpha   90.000
_cell.angle_beta   104.708
_cell.angle_gamma   90.000
#
_symmetry.space_group_name_H-M   'P 1 21 1'
#
loop_
_entity.id
_entity.type
_entity.pdbx_description
1 polymer YTHDC1
2 non-polymer 6-[[furan-2-ylmethyl(methyl)amino]methyl]-5~{H}-pyrimidine-2,4-dione
3 non-polymer 'SULFATE ION'
4 non-polymer DI(HYDROXYETHYL)ETHER
5 water water
#
_entity_poly.entity_id   1
_entity_poly.type   'polypeptide(L)'
_entity_poly.pdbx_seq_one_letter_code
;MHHHHHHSSGRENLYFQGTSKLKYVLQDARFFLIKSNNHENVSLAKAKGVWSTLPVNEKKLNLAFRSARSVILIFSVRES
GKFQGFARLSSESHHGGSPIHWVLPAGMSAKMLGGVFKIDWICRRELPFTKSAHLTNPWNEHKPVKIGRDGQEIELECGT
QLCLLFPPDESIDLYQVIHKMRH
;
_entity_poly.pdbx_strand_id   A,B
#
loop_
_chem_comp.id
_chem_comp.type
_chem_comp.name
_chem_comp.formula
P0K non-polymer 6-[[furan-2-ylmethyl(methyl)amino]methyl]-5~{H}-pyrimidine-2,4-dione 'C11 H13 N3 O3'
PEG non-polymer DI(HYDROXYETHYL)ETHER 'C4 H10 O3'
SO4 non-polymer 'SULFATE ION' 'O4 S -2'
#
# COMPACT_ATOMS: atom_id res chain seq x y z
N GLY A 18 10.04 23.67 7.06
CA GLY A 18 8.90 22.98 7.63
C GLY A 18 7.98 22.36 6.60
N THR A 19 6.86 21.81 7.07
CA THR A 19 5.94 21.10 6.20
C THR A 19 4.56 21.73 6.12
N SER A 20 4.32 22.87 6.80
CA SER A 20 2.97 23.39 6.93
C SER A 20 2.44 23.99 5.63
N LYS A 21 3.25 24.76 4.91
CA LYS A 21 2.76 25.27 3.63
C LYS A 21 2.52 24.13 2.64
N LEU A 22 3.38 23.11 2.66
CA LEU A 22 3.14 21.93 1.83
C LEU A 22 1.80 21.30 2.17
N LYS A 23 1.54 21.08 3.46
CA LYS A 23 0.26 20.50 3.84
C LYS A 23 -0.91 21.38 3.39
N TYR A 24 -0.74 22.70 3.44
CA TYR A 24 -1.82 23.57 2.99
C TYR A 24 -2.09 23.41 1.50
N VAL A 25 -1.03 23.33 0.70
CA VAL A 25 -1.20 23.15 -0.75
C VAL A 25 -1.89 21.83 -1.05
N LEU A 26 -1.60 20.79 -0.26
CA LEU A 26 -2.14 19.46 -0.49
C LEU A 26 -3.52 19.26 0.11
N GLN A 27 -4.02 20.22 0.88
CA GLN A 27 -5.33 20.07 1.50
C GLN A 27 -6.41 19.93 0.43
N ASP A 28 -7.17 18.84 0.51
CA ASP A 28 -8.26 18.56 -0.43
C ASP A 28 -7.77 18.52 -1.88
N ALA A 29 -6.49 18.19 -2.08
CA ALA A 29 -5.97 18.05 -3.43
C ALA A 29 -6.39 16.72 -4.04
N ARG A 30 -6.25 16.63 -5.35
CA ARG A 30 -6.29 15.37 -6.06
C ARG A 30 -4.88 15.07 -6.58
N PHE A 31 -4.57 13.78 -6.70
CA PHE A 31 -3.23 13.31 -7.01
C PHE A 31 -3.29 12.30 -8.14
N PHE A 32 -2.33 12.38 -9.06
CA PHE A 32 -2.24 11.47 -10.18
C PHE A 32 -0.82 10.96 -10.36
N LEU A 33 -0.69 9.66 -10.58
CA LEU A 33 0.59 9.07 -10.92
C LEU A 33 0.86 9.32 -12.40
N ILE A 34 1.95 10.01 -12.69
CA ILE A 34 2.27 10.38 -14.07
C ILE A 34 3.59 9.74 -14.44
N LYS A 35 3.59 8.93 -15.49
CA LYS A 35 4.80 8.27 -15.94
C LYS A 35 5.49 9.11 -17.00
N SER A 36 6.79 8.91 -17.13
CA SER A 36 7.55 9.47 -18.23
C SER A 36 8.30 8.35 -18.93
N ASN A 37 8.41 8.49 -20.26
CA ASN A 37 9.16 7.52 -21.05
C ASN A 37 10.66 7.60 -20.77
N ASN A 38 11.15 8.74 -20.28
CA ASN A 38 12.59 8.91 -20.11
C ASN A 38 12.84 9.99 -19.07
N HIS A 39 14.11 10.09 -18.66
CA HIS A 39 14.50 11.16 -17.76
C HIS A 39 14.50 12.50 -18.46
N GLU A 40 14.78 12.53 -19.76
CA GLU A 40 14.90 13.80 -20.48
C GLU A 40 13.63 14.63 -20.38
N ASN A 41 12.47 13.97 -20.48
CA ASN A 41 11.22 14.73 -20.44
C ASN A 41 10.92 15.25 -19.04
N VAL A 42 11.31 14.52 -18.00
CA VAL A 42 11.19 15.05 -16.64
C VAL A 42 12.12 16.24 -16.46
N SER A 43 13.33 16.15 -17.01
CA SER A 43 14.26 17.28 -16.95
CA SER A 43 14.26 17.28 -16.94
C SER A 43 13.68 18.50 -17.63
N LEU A 44 13.13 18.32 -18.84
CA LEU A 44 12.47 19.41 -19.56
C LEU A 44 11.33 19.99 -18.74
N ALA A 45 10.51 19.12 -18.14
CA ALA A 45 9.37 19.58 -17.35
C ALA A 45 9.83 20.35 -16.11
N LYS A 46 10.93 19.91 -15.50
CA LYS A 46 11.47 20.61 -14.34
C LYS A 46 12.03 21.97 -14.72
N ALA A 47 12.62 22.08 -15.91
CA ALA A 47 13.21 23.34 -16.33
C ALA A 47 12.16 24.33 -16.83
N LYS A 48 11.13 23.84 -17.51
CA LYS A 48 10.19 24.71 -18.21
C LYS A 48 8.82 24.81 -17.54
N GLY A 49 8.53 23.99 -16.54
CA GLY A 49 7.23 24.05 -15.88
C GLY A 49 6.07 23.65 -16.76
N VAL A 50 6.22 22.59 -17.54
CA VAL A 50 5.20 22.15 -18.49
C VAL A 50 5.15 20.62 -18.48
N TRP A 51 4.00 20.09 -18.89
CA TRP A 51 3.85 18.67 -19.12
C TRP A 51 2.82 18.45 -20.20
N SER A 52 2.97 17.35 -20.93
CA SER A 52 1.98 16.96 -21.93
CA SER A 52 2.00 16.96 -21.94
C SER A 52 1.74 15.47 -21.79
N THR A 53 0.53 15.06 -22.17
CA THR A 53 0.09 13.68 -22.01
C THR A 53 -0.61 13.26 -23.28
N LEU A 54 -1.04 12.01 -23.31
CA LEU A 54 -1.94 11.56 -24.35
C LEU A 54 -3.34 12.10 -24.06
N PRO A 55 -4.21 12.16 -25.09
CA PRO A 55 -5.55 12.73 -24.89
C PRO A 55 -6.39 12.10 -23.79
N VAL A 56 -6.27 10.79 -23.56
CA VAL A 56 -7.06 10.15 -22.50
C VAL A 56 -6.78 10.80 -21.14
N ASN A 57 -5.50 10.95 -20.80
CA ASN A 57 -5.17 11.53 -19.51
C ASN A 57 -5.35 13.04 -19.49
N GLU A 58 -5.20 13.68 -20.65
CA GLU A 58 -5.49 15.11 -20.75
C GLU A 58 -6.91 15.41 -20.30
N LYS A 59 -7.87 14.60 -20.78
CA LYS A 59 -9.26 14.79 -20.40
C LYS A 59 -9.46 14.63 -18.90
N LYS A 60 -8.86 13.59 -18.32
CA LYS A 60 -8.98 13.36 -16.87
C LYS A 60 -8.42 14.52 -16.09
N LEU A 61 -7.24 15.02 -16.49
CA LEU A 61 -6.58 16.07 -15.73
C LEU A 61 -7.31 17.40 -15.86
N ASN A 62 -7.86 17.67 -17.05
CA ASN A 62 -8.66 18.89 -17.22
C ASN A 62 -9.89 18.87 -16.33
N LEU A 63 -10.59 17.72 -16.28
CA LEU A 63 -11.73 17.59 -15.38
C LEU A 63 -11.30 17.80 -13.93
N ALA A 64 -10.16 17.21 -13.54
CA ALA A 64 -9.71 17.35 -12.16
C ALA A 64 -9.31 18.79 -11.85
N PHE A 65 -8.67 19.47 -12.80
CA PHE A 65 -8.23 20.83 -12.57
C PHE A 65 -9.38 21.75 -12.21
N ARG A 66 -10.54 21.56 -12.86
CA ARG A 66 -11.72 22.35 -12.55
C ARG A 66 -12.39 21.93 -11.26
N SER A 67 -12.06 20.75 -10.74
CA SER A 67 -12.83 20.14 -9.66
C SER A 67 -12.22 20.37 -8.29
N ALA A 68 -10.96 20.77 -8.21
CA ALA A 68 -10.24 20.68 -6.95
C ALA A 68 -9.32 21.88 -6.77
N ARG A 69 -9.03 22.16 -5.51
CA ARG A 69 -8.19 23.31 -5.17
C ARG A 69 -6.77 23.14 -5.70
N SER A 70 -6.27 21.90 -5.74
CA SER A 70 -4.95 21.59 -6.25
C SER A 70 -5.02 20.23 -6.92
N VAL A 71 -4.35 20.11 -8.07
CA VAL A 71 -4.14 18.83 -8.73
C VAL A 71 -2.64 18.57 -8.76
N ILE A 72 -2.22 17.47 -8.17
CA ILE A 72 -0.81 17.16 -7.99
C ILE A 72 -0.44 16.01 -8.93
N LEU A 73 0.61 16.21 -9.72
CA LEU A 73 1.17 15.16 -10.55
C LEU A 73 2.42 14.64 -9.83
N ILE A 74 2.48 13.34 -9.61
CA ILE A 74 3.62 12.69 -8.98
C ILE A 74 4.31 11.86 -10.06
N PHE A 75 5.55 12.22 -10.39
CA PHE A 75 6.21 11.72 -11.59
C PHE A 75 7.08 10.51 -11.30
N SER A 76 7.07 9.55 -12.23
CA SER A 76 7.94 8.39 -12.15
C SER A 76 8.40 8.01 -13.55
N VAL A 77 9.72 8.04 -13.77
CA VAL A 77 10.29 7.58 -15.02
C VAL A 77 10.17 6.07 -15.07
N ARG A 78 9.61 5.55 -16.17
CA ARG A 78 9.40 4.11 -16.31
C ARG A 78 10.70 3.35 -16.12
N GLU A 79 10.63 2.27 -15.33
CA GLU A 79 11.74 1.36 -15.03
C GLU A 79 12.80 1.96 -14.11
N SER A 80 12.58 3.17 -13.59
CA SER A 80 13.61 3.80 -12.77
C SER A 80 13.57 3.35 -11.31
N GLY A 81 12.47 2.77 -10.85
CA GLY A 81 12.34 2.41 -9.46
C GLY A 81 12.16 3.57 -8.49
N LYS A 82 11.88 4.77 -8.99
CA LYS A 82 11.79 5.94 -8.14
C LYS A 82 10.70 6.87 -8.67
N PHE A 83 10.25 7.76 -7.78
CA PHE A 83 9.57 8.98 -8.19
C PHE A 83 10.60 10.10 -8.28
N GLN A 84 10.42 11.01 -9.25
CA GLN A 84 11.37 12.09 -9.46
C GLN A 84 10.91 13.45 -8.94
N GLY A 85 9.73 13.51 -8.33
CA GLY A 85 9.23 14.73 -7.72
C GLY A 85 7.76 14.87 -7.98
N PHE A 86 7.23 16.03 -7.63
CA PHE A 86 5.81 16.28 -7.82
C PHE A 86 5.55 17.77 -8.01
N ALA A 87 4.45 18.07 -8.71
CA ALA A 87 4.16 19.41 -9.17
C ALA A 87 2.65 19.60 -9.15
N ARG A 88 2.23 20.86 -9.12
CA ARG A 88 0.82 21.23 -9.10
C ARG A 88 0.43 21.84 -10.44
N LEU A 89 -0.65 21.35 -11.04
CA LEU A 89 -1.17 22.00 -12.24
C LEU A 89 -1.52 23.45 -11.95
N SER A 90 -1.04 24.36 -12.80
CA SER A 90 -1.47 25.75 -12.73
C SER A 90 -2.40 26.13 -13.86
N SER A 91 -2.67 25.23 -14.79
CA SER A 91 -3.55 25.50 -15.91
C SER A 91 -4.16 24.21 -16.43
N GLU A 92 -5.29 24.36 -17.14
CA GLU A 92 -5.76 23.31 -18.02
C GLU A 92 -4.81 23.19 -19.21
N SER A 93 -5.01 22.16 -20.03
CA SER A 93 -4.16 22.00 -21.20
C SER A 93 -4.51 23.04 -22.27
N HIS A 94 -3.49 23.45 -23.01
CA HIS A 94 -3.66 24.45 -24.06
C HIS A 94 -2.72 24.10 -25.22
N HIS A 95 -3.18 24.35 -26.44
CA HIS A 95 -2.40 24.06 -27.63
C HIS A 95 -1.72 25.32 -28.17
N PRO A 99 6.39 25.13 -29.59
CA PRO A 99 6.52 23.66 -29.53
C PRO A 99 7.60 23.23 -28.55
N ILE A 100 7.23 22.38 -27.60
CA ILE A 100 8.20 21.87 -26.64
C ILE A 100 8.95 20.71 -27.27
N HIS A 101 10.28 20.75 -27.18
CA HIS A 101 11.13 19.74 -27.80
C HIS A 101 11.22 18.48 -26.95
N TRP A 102 10.05 17.85 -26.73
CA TRP A 102 10.02 16.58 -26.03
C TRP A 102 10.81 15.53 -26.79
N VAL A 103 11.35 14.58 -26.04
CA VAL A 103 11.99 13.39 -26.62
C VAL A 103 10.96 12.28 -26.54
N LEU A 104 10.26 12.05 -27.65
CA LEU A 104 9.12 11.16 -27.72
C LEU A 104 9.56 9.74 -28.04
N PRO A 105 8.75 8.75 -27.69
CA PRO A 105 9.06 7.37 -28.08
C PRO A 105 9.06 7.22 -29.59
N ALA A 106 9.79 6.19 -30.06
CA ALA A 106 9.88 5.94 -31.48
C ALA A 106 8.50 5.68 -32.08
N GLY A 107 8.23 6.34 -33.20
CA GLY A 107 6.96 6.19 -33.89
C GLY A 107 5.86 7.12 -33.43
N MET A 108 6.09 7.90 -32.37
CA MET A 108 5.09 8.82 -31.85
C MET A 108 5.36 10.22 -32.39
N SER A 109 4.38 10.79 -33.07
CA SER A 109 4.46 12.16 -33.55
C SER A 109 4.00 13.12 -32.46
N ALA A 110 4.48 14.35 -32.54
CA ALA A 110 3.99 15.40 -31.65
C ALA A 110 2.50 15.64 -31.81
N LYS A 111 1.92 15.23 -32.93
CA LYS A 111 0.49 15.41 -33.17
C LYS A 111 -0.37 14.45 -32.35
N MET A 112 0.21 13.39 -31.80
CA MET A 112 -0.53 12.46 -30.96
C MET A 112 -0.71 12.98 -29.54
N LEU A 113 0.00 14.03 -29.14
CA LEU A 113 -0.11 14.53 -27.79
C LEU A 113 -1.35 15.40 -27.64
N GLY A 114 -1.86 15.48 -26.42
CA GLY A 114 -2.81 16.51 -26.09
C GLY A 114 -2.11 17.84 -25.93
N GLY A 115 -2.78 18.81 -25.33
CA GLY A 115 -2.18 20.10 -25.12
C GLY A 115 -1.11 20.08 -24.05
N VAL A 116 -0.66 21.27 -23.69
CA VAL A 116 0.39 21.46 -22.71
C VAL A 116 -0.24 21.99 -21.43
N PHE A 117 0.10 21.36 -20.31
CA PHE A 117 -0.27 21.83 -18.99
C PHE A 117 0.89 22.62 -18.41
N LYS A 118 0.59 23.77 -17.83
CA LYS A 118 1.58 24.46 -17.01
C LYS A 118 1.55 23.87 -15.61
N ILE A 119 2.73 23.71 -15.01
CA ILE A 119 2.87 23.13 -13.68
C ILE A 119 3.86 23.97 -12.87
N ASP A 120 3.63 24.02 -11.56
CA ASP A 120 4.58 24.59 -10.61
C ASP A 120 5.15 23.45 -9.78
N TRP A 121 6.47 23.31 -9.81
CA TRP A 121 7.08 22.23 -9.06
C TRP A 121 6.96 22.48 -7.56
N ILE A 122 6.62 21.43 -6.83
CA ILE A 122 6.57 21.47 -5.38
CA ILE A 122 6.57 21.46 -5.39
C ILE A 122 7.80 20.80 -4.78
N CYS A 123 8.29 19.75 -5.43
CA CYS A 123 9.48 19.06 -4.97
C CYS A 123 10.17 18.48 -6.20
N ARG A 124 11.44 18.80 -6.38
CA ARG A 124 12.23 18.26 -7.46
C ARG A 124 13.15 17.14 -7.00
N ARG A 125 13.03 16.71 -5.75
CA ARG A 125 13.84 15.64 -5.20
C ARG A 125 13.19 14.30 -5.48
N GLU A 126 14.01 13.25 -5.52
CA GLU A 126 13.52 11.92 -5.81
CA GLU A 126 13.56 11.89 -5.81
C GLU A 126 13.15 11.17 -4.53
N LEU A 127 12.36 10.12 -4.71
CA LEU A 127 11.97 9.21 -3.63
C LEU A 127 11.97 7.79 -4.20
N PRO A 128 12.81 6.89 -3.70
CA PRO A 128 12.79 5.52 -4.22
CA PRO A 128 12.79 5.52 -4.21
C PRO A 128 11.52 4.79 -3.79
N PHE A 129 11.05 3.89 -4.67
CA PHE A 129 9.87 3.10 -4.39
C PHE A 129 10.00 2.32 -3.08
N THR A 130 11.22 1.93 -2.70
CA THR A 130 11.40 1.20 -1.45
C THR A 130 10.89 1.99 -0.26
N LYS A 131 10.86 3.32 -0.36
CA LYS A 131 10.44 4.15 0.76
C LYS A 131 8.93 4.32 0.86
N SER A 132 8.18 3.94 -0.18
CA SER A 132 6.73 4.07 -0.19
C SER A 132 6.03 2.73 -0.07
N ALA A 133 6.77 1.69 0.34
CA ALA A 133 6.23 0.33 0.38
C ALA A 133 5.10 0.16 1.39
N HIS A 134 4.93 1.08 2.32
CA HIS A 134 3.90 1.01 3.34
C HIS A 134 2.63 1.75 2.94
N LEU A 135 2.57 2.32 1.74
CA LEU A 135 1.42 3.08 1.28
C LEU A 135 0.70 2.31 0.19
N THR A 136 -0.63 2.23 0.30
CA THR A 136 -1.46 1.55 -0.68
C THR A 136 -2.49 2.52 -1.23
N ASN A 137 -2.85 2.34 -2.49
CA ASN A 137 -3.77 3.23 -3.17
C ASN A 137 -5.13 2.58 -3.28
N PRO A 138 -6.16 3.07 -2.57
CA PRO A 138 -7.49 2.47 -2.69
C PRO A 138 -8.04 2.48 -4.10
N TRP A 139 -7.64 3.43 -4.93
CA TRP A 139 -8.16 3.48 -6.30
C TRP A 139 -7.46 2.54 -7.25
N ASN A 140 -6.46 1.80 -6.78
CA ASN A 140 -5.89 0.69 -7.54
C ASN A 140 -5.82 -0.56 -6.69
N GLU A 141 -6.97 -0.96 -6.12
CA GLU A 141 -7.12 -2.23 -5.40
C GLU A 141 -6.22 -2.32 -4.17
N HIS A 142 -5.88 -1.17 -3.59
CA HIS A 142 -4.96 -1.11 -2.45
C HIS A 142 -3.61 -1.75 -2.74
N LYS A 143 -3.20 -1.75 -4.00
CA LYS A 143 -1.84 -2.12 -4.34
C LYS A 143 -0.88 -1.02 -3.90
N PRO A 144 0.40 -1.37 -3.67
CA PRO A 144 1.39 -0.33 -3.32
C PRO A 144 1.30 0.84 -4.30
N VAL A 145 1.45 2.05 -3.76
CA VAL A 145 1.16 3.26 -4.54
C VAL A 145 2.07 3.38 -5.76
N LYS A 146 3.25 2.77 -5.73
CA LYS A 146 4.12 2.78 -6.90
C LYS A 146 3.50 2.08 -8.10
N ILE A 147 2.50 1.22 -7.87
CA ILE A 147 1.89 0.43 -8.94
C ILE A 147 0.71 1.20 -9.50
N GLY A 148 0.70 1.38 -10.82
CA GLY A 148 -0.44 1.98 -11.48
C GLY A 148 -0.12 2.33 -12.91
N ARG A 149 -1.13 2.36 -13.76
CA ARG A 149 -0.93 2.86 -15.11
C ARG A 149 -0.70 4.38 -15.08
N ASP A 150 -0.10 4.87 -16.15
CA ASP A 150 0.05 6.31 -16.33
C ASP A 150 -1.31 6.97 -16.23
N GLY A 151 -1.42 7.97 -15.34
CA GLY A 151 -2.69 8.64 -15.11
C GLY A 151 -3.53 8.09 -13.97
N GLN A 152 -3.08 7.03 -13.30
CA GLN A 152 -3.84 6.46 -12.19
C GLN A 152 -4.04 7.50 -11.10
N GLU A 153 -5.28 7.74 -10.69
CA GLU A 153 -5.52 8.64 -9.58
C GLU A 153 -5.12 7.99 -8.27
N ILE A 154 -4.55 8.77 -7.37
CA ILE A 154 -4.17 8.31 -6.04
C ILE A 154 -5.09 8.99 -5.04
N GLU A 155 -5.76 8.19 -4.22
CA GLU A 155 -6.70 8.72 -3.24
C GLU A 155 -6.01 9.69 -2.28
N LEU A 156 -6.80 10.65 -1.77
CA LEU A 156 -6.31 11.80 -0.99
C LEU A 156 -5.31 11.41 0.10
N GLU A 157 -5.68 10.50 0.98
CA GLU A 157 -4.81 10.22 2.12
C GLU A 157 -3.49 9.58 1.67
N CYS A 158 -3.58 8.60 0.77
CA CYS A 158 -2.38 7.97 0.26
C CYS A 158 -1.50 8.99 -0.46
N GLY A 159 -2.12 9.84 -1.28
CA GLY A 159 -1.35 10.84 -2.02
C GLY A 159 -0.67 11.85 -1.13
N THR A 160 -1.37 12.29 -0.08
CA THR A 160 -0.78 13.21 0.89
C THR A 160 0.40 12.58 1.61
N GLN A 161 0.23 11.35 2.08
CA GLN A 161 1.34 10.67 2.76
C GLN A 161 2.51 10.47 1.82
N LEU A 162 2.24 10.12 0.56
CA LEU A 162 3.32 9.91 -0.39
C LEU A 162 4.12 11.20 -0.57
N CYS A 163 3.41 12.31 -0.77
CA CYS A 163 4.09 13.57 -1.00
C CYS A 163 4.92 13.96 0.22
N LEU A 164 4.39 13.71 1.43
CA LEU A 164 5.12 14.04 2.67
C LEU A 164 6.36 13.17 2.88
N LEU A 165 6.46 12.03 2.18
CA LEU A 165 7.66 11.20 2.31
C LEU A 165 8.85 11.78 1.56
N PHE A 166 8.63 12.59 0.53
CA PHE A 166 9.74 13.12 -0.25
C PHE A 166 10.64 13.96 0.64
N PRO A 167 11.95 13.96 0.37
CA PRO A 167 12.83 14.88 1.07
C PRO A 167 12.36 16.31 0.85
N PRO A 168 12.40 17.16 1.88
CA PRO A 168 12.05 18.57 1.67
C PRO A 168 12.93 19.19 0.60
N ASP A 169 12.32 20.03 -0.24
CA ASP A 169 13.05 20.73 -1.31
C ASP A 169 13.13 22.19 -0.88
N GLU A 170 14.23 22.52 -0.19
CA GLU A 170 14.40 23.85 0.37
CA GLU A 170 14.40 23.85 0.37
C GLU A 170 14.63 24.91 -0.70
N SER A 171 14.78 24.53 -1.95
CA SER A 171 14.93 25.51 -3.02
C SER A 171 13.59 26.11 -3.43
N ILE A 172 12.48 25.53 -3.00
CA ILE A 172 11.14 25.95 -3.44
C ILE A 172 10.46 26.73 -2.34
N ASP A 173 9.78 27.81 -2.72
CA ASP A 173 9.01 28.65 -1.82
C ASP A 173 7.55 28.53 -2.24
N LEU A 174 6.72 27.90 -1.40
CA LEU A 174 5.33 27.66 -1.77
C LEU A 174 4.43 28.88 -1.63
N TYR A 175 4.97 30.02 -1.18
CA TYR A 175 4.19 31.25 -1.07
C TYR A 175 3.45 31.58 -2.37
N GLN A 176 4.15 31.53 -3.50
CA GLN A 176 3.51 31.93 -4.75
C GLN A 176 2.48 30.90 -5.24
N VAL A 177 2.71 29.63 -4.95
CA VAL A 177 1.74 28.59 -5.29
C VAL A 177 0.46 28.76 -4.50
N ILE A 178 0.57 29.08 -3.20
CA ILE A 178 -0.62 29.28 -2.38
C ILE A 178 -1.51 30.37 -2.95
N HIS A 179 -0.90 31.42 -3.49
CA HIS A 179 -1.67 32.53 -4.04
C HIS A 179 -2.40 32.15 -5.33
N LYS A 180 -2.02 31.05 -5.97
CA LYS A 180 -2.72 30.61 -7.17
C LYS A 180 -3.98 29.81 -6.86
N MET A 181 -4.11 29.31 -5.64
CA MET A 181 -5.29 28.54 -5.25
C MET A 181 -6.50 29.45 -5.06
N GLY B 18 19.74 -18.30 10.26
CA GLY B 18 19.06 -19.35 11.01
C GLY B 18 17.73 -18.90 11.60
N THR B 19 17.04 -19.83 12.26
CA THR B 19 15.67 -19.62 12.67
C THR B 19 15.50 -19.41 14.18
N SER B 20 16.58 -19.05 14.90
CA SER B 20 16.48 -18.88 16.36
C SER B 20 15.44 -17.82 16.73
N LYS B 21 15.44 -16.68 16.02
CA LYS B 21 14.49 -15.61 16.34
C LYS B 21 13.06 -16.07 16.13
N LEU B 22 12.79 -16.66 14.96
CA LEU B 22 11.42 -17.08 14.68
C LEU B 22 10.96 -18.16 15.65
N LYS B 23 11.84 -19.11 15.97
CA LYS B 23 11.47 -20.13 16.92
C LYS B 23 11.15 -19.53 18.29
N TYR B 24 11.91 -18.51 18.68
CA TYR B 24 11.64 -17.82 19.93
C TYR B 24 10.25 -17.19 19.92
N VAL B 25 9.90 -16.52 18.82
CA VAL B 25 8.59 -15.89 18.71
C VAL B 25 7.49 -16.93 18.83
N LEU B 26 7.72 -18.14 18.33
CA LEU B 26 6.71 -19.18 18.23
C LEU B 26 6.71 -20.17 19.39
N GLN B 27 7.62 -20.03 20.38
CA GLN B 27 7.82 -21.11 21.36
C GLN B 27 6.55 -21.37 22.16
N ASP B 28 5.79 -20.33 22.49
CA ASP B 28 4.51 -20.47 23.18
C ASP B 28 3.47 -19.69 22.38
N ALA B 29 3.10 -20.24 21.23
CA ALA B 29 2.19 -19.55 20.33
C ALA B 29 0.90 -20.33 20.13
N ARG B 30 -0.17 -19.59 19.88
CA ARG B 30 -1.38 -20.13 19.28
C ARG B 30 -1.47 -19.64 17.85
N PHE B 31 -2.07 -20.46 16.99
CA PHE B 31 -2.08 -20.21 15.55
C PHE B 31 -3.50 -20.32 15.02
N PHE B 32 -3.87 -19.42 14.11
CA PHE B 32 -5.20 -19.42 13.53
C PHE B 32 -5.13 -19.22 12.03
N LEU B 33 -5.88 -20.04 11.30
CA LEU B 33 -6.09 -19.80 9.88
C LEU B 33 -7.07 -18.65 9.72
N ILE B 34 -6.66 -17.60 9.02
CA ILE B 34 -7.48 -16.41 8.82
C ILE B 34 -7.68 -16.23 7.33
N LYS B 35 -8.93 -16.19 6.90
CA LYS B 35 -9.23 -16.05 5.49
C LYS B 35 -9.49 -14.60 5.13
N SER B 36 -9.30 -14.30 3.85
CA SER B 36 -9.71 -13.02 3.30
C SER B 36 -10.62 -13.25 2.11
N ASN B 37 -11.58 -12.34 1.95
CA ASN B 37 -12.46 -12.40 0.78
C ASN B 37 -11.76 -11.95 -0.49
N ASN B 38 -10.65 -11.21 -0.39
CA ASN B 38 -9.96 -10.73 -1.58
C ASN B 38 -8.49 -10.48 -1.28
N HIS B 39 -7.71 -10.31 -2.35
CA HIS B 39 -6.31 -9.92 -2.18
C HIS B 39 -6.20 -8.48 -1.71
N GLU B 40 -7.17 -7.64 -2.07
CA GLU B 40 -7.08 -6.22 -1.74
C GLU B 40 -6.95 -5.99 -0.23
N ASN B 41 -7.74 -6.69 0.58
CA ASN B 41 -7.69 -6.46 2.01
C ASN B 41 -6.39 -6.95 2.60
N VAL B 42 -5.82 -8.02 2.03
CA VAL B 42 -4.51 -8.48 2.46
C VAL B 42 -3.43 -7.45 2.14
N SER B 43 -3.50 -6.84 0.95
CA SER B 43 -2.53 -5.81 0.60
C SER B 43 -2.63 -4.62 1.55
N LEU B 44 -3.85 -4.18 1.83
CA LEU B 44 -4.07 -3.11 2.79
C LEU B 44 -3.47 -3.49 4.15
N ALA B 45 -3.78 -4.69 4.63
CA ALA B 45 -3.36 -5.13 5.95
C ALA B 45 -1.84 -5.29 6.03
N LYS B 46 -1.23 -5.76 4.95
CA LYS B 46 0.22 -5.95 4.91
C LYS B 46 0.95 -4.62 5.09
N ALA B 47 0.41 -3.54 4.51
CA ALA B 47 1.06 -2.24 4.58
C ALA B 47 0.78 -1.55 5.90
N LYS B 48 -0.43 -1.68 6.43
CA LYS B 48 -0.88 -0.87 7.55
C LYS B 48 -0.76 -1.59 8.89
N GLY B 49 -0.62 -2.92 8.88
CA GLY B 49 -0.48 -3.65 10.14
C GLY B 49 -1.75 -3.76 10.94
N VAL B 50 -2.88 -4.04 10.28
CA VAL B 50 -4.18 -4.15 10.94
C VAL B 50 -4.97 -5.27 10.29
N TRP B 51 -5.94 -5.80 11.04
CA TRP B 51 -6.90 -6.77 10.52
C TRP B 51 -8.20 -6.64 11.31
N SER B 52 -9.30 -7.02 10.67
N SER B 52 -9.30 -7.03 10.68
CA SER B 52 -10.60 -7.10 11.32
CA SER B 52 -10.58 -7.11 11.38
C SER B 52 -11.24 -8.42 10.95
C SER B 52 -11.29 -8.37 10.94
N THR B 53 -12.04 -8.95 11.87
CA THR B 53 -12.76 -10.20 11.66
C THR B 53 -14.22 -9.98 12.01
N LEU B 54 -15.01 -11.03 11.88
CA LEU B 54 -16.35 -11.00 12.45
C LEU B 54 -16.26 -11.17 13.96
N PRO B 55 -17.32 -10.83 14.70
CA PRO B 55 -17.24 -10.90 16.16
C PRO B 55 -16.92 -12.27 16.74
N VAL B 56 -17.37 -13.37 16.12
CA VAL B 56 -17.12 -14.69 16.69
CA VAL B 56 -17.11 -14.67 16.73
C VAL B 56 -15.61 -14.97 16.76
N ASN B 57 -14.91 -14.72 15.64
CA ASN B 57 -13.47 -14.95 15.65
C ASN B 57 -12.74 -13.88 16.45
N GLU B 58 -13.30 -12.67 16.52
CA GLU B 58 -12.68 -11.62 17.32
C GLU B 58 -12.57 -12.06 18.78
N LYS B 59 -13.65 -12.62 19.33
CA LYS B 59 -13.62 -13.08 20.71
C LYS B 59 -12.60 -14.19 20.91
N LYS B 60 -12.55 -15.16 20.00
CA LYS B 60 -11.55 -16.23 20.09
C LYS B 60 -10.13 -15.67 20.09
N LEU B 61 -9.85 -14.72 19.20
CA LEU B 61 -8.51 -14.14 19.11
C LEU B 61 -8.17 -13.33 20.34
N ASN B 62 -9.13 -12.60 20.91
CA ASN B 62 -8.87 -11.85 22.13
C ASN B 62 -8.57 -12.77 23.30
N LEU B 63 -9.35 -13.84 23.46
CA LEU B 63 -9.04 -14.86 24.45
C LEU B 63 -7.64 -15.41 24.24
N ALA B 64 -7.29 -15.73 22.99
CA ALA B 64 -5.98 -16.30 22.69
C ALA B 64 -4.87 -15.31 23.05
N PHE B 65 -5.07 -14.03 22.76
CA PHE B 65 -4.05 -13.02 23.04
C PHE B 65 -3.65 -13.03 24.51
N ARG B 66 -4.61 -13.24 25.41
CA ARG B 66 -4.34 -13.23 26.84
C ARG B 66 -3.80 -14.56 27.35
N SER B 67 -3.81 -15.61 26.55
CA SER B 67 -3.48 -16.95 27.00
C SER B 67 -2.13 -17.45 26.50
N ALA B 68 -1.50 -16.76 25.55
CA ALA B 68 -0.28 -17.26 24.94
C ALA B 68 0.66 -16.09 24.69
N ARG B 69 1.96 -16.40 24.69
CA ARG B 69 2.95 -15.35 24.50
C ARG B 69 2.87 -14.74 23.11
N SER B 70 2.43 -15.52 22.11
CA SER B 70 2.26 -15.03 20.76
C SER B 70 1.00 -15.64 20.17
N VAL B 71 0.24 -14.84 19.45
CA VAL B 71 -0.90 -15.32 18.66
C VAL B 71 -0.60 -15.00 17.21
N ILE B 72 -0.58 -16.05 16.38
CA ILE B 72 -0.17 -15.96 14.99
C ILE B 72 -1.39 -16.14 14.10
N LEU B 73 -1.58 -15.23 13.16
CA LEU B 73 -2.59 -15.34 12.13
C LEU B 73 -1.90 -15.75 10.84
N ILE B 74 -2.38 -16.84 10.23
CA ILE B 74 -1.83 -17.32 8.97
C ILE B 74 -2.88 -17.09 7.91
N PHE B 75 -2.58 -16.23 6.93
CA PHE B 75 -3.59 -15.70 6.03
C PHE B 75 -3.72 -16.51 4.76
N SER B 76 -4.97 -16.73 4.32
CA SER B 76 -5.23 -17.34 3.02
C SER B 76 -6.43 -16.67 2.36
N VAL B 77 -6.20 -16.04 1.20
CA VAL B 77 -7.29 -15.51 0.40
C VAL B 77 -8.12 -16.68 -0.14
N ARG B 78 -9.42 -16.60 0.02
CA ARG B 78 -10.29 -17.68 -0.42
CA ARG B 78 -10.29 -17.68 -0.42
C ARG B 78 -10.09 -17.98 -1.90
N GLU B 79 -10.00 -19.27 -2.24
CA GLU B 79 -9.83 -19.81 -3.59
C GLU B 79 -8.46 -19.51 -4.20
N SER B 80 -7.51 -18.99 -3.42
CA SER B 80 -6.21 -18.64 -3.99
C SER B 80 -5.25 -19.81 -4.07
N GLY B 81 -5.50 -20.89 -3.32
CA GLY B 81 -4.57 -22.01 -3.30
C GLY B 81 -3.26 -21.74 -2.61
N LYS B 82 -3.16 -20.67 -1.83
CA LYS B 82 -1.92 -20.31 -1.16
C LYS B 82 -2.24 -19.64 0.16
N PHE B 83 -1.22 -19.62 1.02
CA PHE B 83 -1.17 -18.68 2.12
C PHE B 83 -0.38 -17.45 1.66
N GLN B 84 -0.80 -16.28 2.11
CA GLN B 84 -0.15 -15.04 1.69
C GLN B 84 0.81 -14.46 2.72
N GLY B 85 0.93 -15.08 3.88
CA GLY B 85 1.88 -14.64 4.88
C GLY B 85 1.33 -14.94 6.25
N PHE B 86 2.06 -14.50 7.27
CA PHE B 86 1.58 -14.65 8.64
C PHE B 86 2.06 -13.49 9.50
N ALA B 87 1.30 -13.22 10.57
CA ALA B 87 1.52 -12.05 11.40
C ALA B 87 1.20 -12.39 12.84
N ARG B 88 1.71 -11.58 13.76
CA ARG B 88 1.49 -11.77 15.19
C ARG B 88 0.61 -10.64 15.71
N LEU B 89 -0.42 -10.97 16.50
CA LEU B 89 -1.21 -9.95 17.17
C LEU B 89 -0.35 -9.12 18.11
N SER B 90 -0.40 -7.80 17.97
CA SER B 90 0.25 -6.96 18.96
CA SER B 90 0.24 -6.90 18.92
C SER B 90 -0.71 -6.41 20.00
N SER B 91 -2.01 -6.51 19.76
CA SER B 91 -3.02 -5.97 20.66
C SER B 91 -4.25 -6.85 20.58
N GLU B 92 -5.09 -6.78 21.61
CA GLU B 92 -6.47 -7.19 21.46
C GLU B 92 -7.17 -6.24 20.49
N SER B 93 -8.34 -6.64 20.04
CA SER B 93 -9.09 -5.76 19.15
C SER B 93 -9.48 -4.49 19.88
N HIS B 94 -9.64 -3.41 19.12
CA HIS B 94 -10.01 -2.13 19.69
C HIS B 94 -11.03 -1.47 18.78
N HIS B 95 -12.00 -0.80 19.39
CA HIS B 95 -13.02 -0.05 18.68
C HIS B 95 -12.74 1.44 18.83
N GLY B 96 -13.28 2.23 17.91
CA GLY B 96 -13.20 3.67 17.98
C GLY B 96 -11.93 4.28 17.41
N GLY B 97 -11.01 3.47 16.90
CA GLY B 97 -9.79 4.00 16.32
C GLY B 97 -10.03 4.60 14.94
N SER B 98 -8.93 4.87 14.26
CA SER B 98 -9.02 5.39 12.90
C SER B 98 -9.69 4.34 12.00
N PRO B 99 -10.74 4.71 11.28
CA PRO B 99 -11.45 3.72 10.46
C PRO B 99 -10.58 3.18 9.35
N ILE B 100 -10.70 1.87 9.10
CA ILE B 100 -9.98 1.20 8.04
C ILE B 100 -10.95 0.91 6.92
N HIS B 101 -10.59 1.29 5.69
CA HIS B 101 -11.51 1.24 4.57
C HIS B 101 -11.37 -0.07 3.80
N TRP B 102 -11.71 -1.15 4.48
CA TRP B 102 -11.69 -2.46 3.85
C TRP B 102 -12.68 -2.49 2.69
N VAL B 103 -12.46 -3.43 1.77
CA VAL B 103 -13.41 -3.74 0.71
C VAL B 103 -14.12 -5.00 1.16
N LEU B 104 -15.36 -4.84 1.66
CA LEU B 104 -16.10 -5.92 2.30
C LEU B 104 -16.92 -6.67 1.27
N PRO B 105 -17.20 -7.95 1.52
CA PRO B 105 -17.98 -8.73 0.55
C PRO B 105 -19.42 -8.25 0.51
N ALA B 106 -20.10 -8.67 -0.57
CA ALA B 106 -21.47 -8.25 -0.81
C ALA B 106 -22.37 -8.56 0.38
N GLY B 107 -23.20 -7.59 0.75
CA GLY B 107 -24.12 -7.75 1.85
C GLY B 107 -23.56 -7.41 3.21
N MET B 108 -22.32 -6.95 3.29
CA MET B 108 -21.67 -6.66 4.55
C MET B 108 -21.42 -5.16 4.70
N SER B 109 -21.83 -4.63 5.84
CA SER B 109 -21.49 -3.28 6.27
C SER B 109 -20.33 -3.34 7.26
N ALA B 110 -19.64 -2.21 7.39
CA ALA B 110 -18.59 -2.11 8.39
C ALA B 110 -19.14 -2.34 9.80
N LYS B 111 -20.42 -2.05 10.02
CA LYS B 111 -21.03 -2.23 11.34
C LYS B 111 -21.02 -3.69 11.79
N MET B 112 -20.94 -4.63 10.86
CA MET B 112 -20.93 -6.06 11.19
C MET B 112 -19.56 -6.57 11.63
N LEU B 113 -18.52 -5.75 11.52
CA LEU B 113 -17.19 -6.21 11.89
C LEU B 113 -17.00 -6.11 13.39
N GLY B 114 -16.07 -6.92 13.91
CA GLY B 114 -15.50 -6.65 15.20
C GLY B 114 -14.55 -5.47 15.14
N GLY B 115 -13.82 -5.28 16.23
CA GLY B 115 -12.83 -4.23 16.31
C GLY B 115 -11.61 -4.51 15.42
N VAL B 116 -10.65 -3.61 15.51
CA VAL B 116 -9.42 -3.69 14.71
C VAL B 116 -8.32 -4.29 15.58
N PHE B 117 -7.65 -5.33 15.07
CA PHE B 117 -6.45 -5.85 15.67
C PHE B 117 -5.23 -5.20 15.04
N LYS B 118 -4.30 -4.75 15.87
CA LYS B 118 -2.98 -4.40 15.38
C LYS B 118 -2.15 -5.66 15.25
N ILE B 119 -1.43 -5.77 14.14
CA ILE B 119 -0.62 -6.95 13.84
C ILE B 119 0.75 -6.54 13.34
N ASP B 120 1.74 -7.33 13.68
CA ASP B 120 3.09 -7.19 13.14
C ASP B 120 3.34 -8.36 12.20
N TRP B 121 3.55 -8.07 10.93
CA TRP B 121 3.83 -9.14 9.98
C TRP B 121 5.18 -9.78 10.26
N ILE B 122 5.22 -11.10 10.16
CA ILE B 122 6.45 -11.86 10.26
C ILE B 122 6.92 -12.30 8.88
N CYS B 123 5.98 -12.64 8.00
CA CYS B 123 6.33 -12.97 6.63
C CYS B 123 5.19 -12.50 5.76
N ARG B 124 5.51 -11.75 4.71
CA ARG B 124 4.52 -11.28 3.74
C ARG B 124 4.66 -11.98 2.40
N ARG B 125 5.42 -13.07 2.36
CA ARG B 125 5.62 -13.85 1.15
C ARG B 125 4.68 -15.04 1.11
N GLU B 126 4.39 -15.50 -0.10
CA GLU B 126 3.40 -16.55 -0.30
C GLU B 126 3.99 -17.92 -0.04
N LEU B 127 3.12 -18.84 0.38
CA LEU B 127 3.45 -20.26 0.49
C LEU B 127 2.34 -21.02 -0.22
N PRO B 128 2.61 -21.64 -1.36
CA PRO B 128 1.58 -22.44 -2.02
CA PRO B 128 1.58 -22.44 -2.02
C PRO B 128 1.19 -23.63 -1.17
N PHE B 129 -0.10 -24.01 -1.24
CA PHE B 129 -0.57 -25.17 -0.48
C PHE B 129 0.22 -26.43 -0.81
N THR B 130 0.79 -26.51 -2.02
CA THR B 130 1.56 -27.69 -2.38
C THR B 130 2.70 -27.93 -1.39
N LYS B 131 3.29 -26.85 -0.85
CA LYS B 131 4.44 -26.98 0.05
C LYS B 131 4.07 -27.37 1.46
N SER B 132 2.78 -27.35 1.82
CA SER B 132 2.35 -27.73 3.16
C SER B 132 1.55 -29.02 3.15
N ALA B 133 1.60 -29.77 2.04
CA ALA B 133 0.75 -30.94 1.85
C ALA B 133 1.04 -32.04 2.85
N HIS B 134 2.21 -32.06 3.45
CA HIS B 134 2.60 -33.08 4.42
C HIS B 134 2.17 -32.74 5.86
N LEU B 135 1.66 -31.53 6.10
CA LEU B 135 1.28 -31.08 7.45
C LEU B 135 -0.21 -31.23 7.66
N THR B 136 -0.58 -31.91 8.75
CA THR B 136 -1.96 -32.12 9.13
C THR B 136 -2.19 -31.53 10.51
N ASN B 137 -3.39 -31.02 10.74
CA ASN B 137 -3.72 -30.34 11.98
C ASN B 137 -4.49 -31.26 12.89
N PRO B 138 -3.92 -31.71 14.02
CA PRO B 138 -4.67 -32.59 14.93
C PRO B 138 -5.96 -32.00 15.43
N TRP B 139 -6.08 -30.68 15.51
CA TRP B 139 -7.27 -30.03 16.02
C TRP B 139 -8.32 -29.82 14.93
N ASN B 140 -8.08 -30.34 13.73
CA ASN B 140 -9.08 -30.39 12.68
C ASN B 140 -9.10 -31.77 12.05
N GLU B 141 -9.22 -32.79 12.90
CA GLU B 141 -9.39 -34.19 12.46
C GLU B 141 -8.19 -34.70 11.66
N HIS B 142 -7.01 -34.13 11.91
CA HIS B 142 -5.79 -34.51 11.18
C HIS B 142 -5.94 -34.35 9.68
N LYS B 143 -6.73 -33.36 9.26
CA LYS B 143 -6.79 -33.00 7.85
C LYS B 143 -5.63 -32.07 7.51
N PRO B 144 -5.22 -32.04 6.24
CA PRO B 144 -4.15 -31.12 5.82
C PRO B 144 -4.43 -29.70 6.29
N VAL B 145 -3.36 -29.02 6.73
CA VAL B 145 -3.49 -27.73 7.39
C VAL B 145 -4.10 -26.66 6.48
N LYS B 146 -3.98 -26.82 5.16
CA LYS B 146 -4.64 -25.90 4.23
C LYS B 146 -6.16 -25.92 4.36
N ILE B 147 -6.73 -27.00 4.90
CA ILE B 147 -8.18 -27.14 5.00
C ILE B 147 -8.63 -26.62 6.35
N GLY B 148 -9.57 -25.68 6.34
CA GLY B 148 -10.17 -25.24 7.58
C GLY B 148 -11.14 -24.11 7.33
N ARG B 149 -12.01 -23.90 8.32
CA ARG B 149 -12.89 -22.75 8.33
C ARG B 149 -12.10 -21.50 8.67
N ASP B 150 -12.65 -20.34 8.33
CA ASP B 150 -12.09 -19.08 8.78
C ASP B 150 -12.02 -19.09 10.31
N GLY B 151 -10.83 -18.85 10.86
CA GLY B 151 -10.64 -18.90 12.30
C GLY B 151 -10.22 -20.24 12.85
N GLN B 152 -10.01 -21.25 12.00
CA GLN B 152 -9.58 -22.57 12.44
C GLN B 152 -8.31 -22.47 13.28
N GLU B 153 -8.35 -23.01 14.51
CA GLU B 153 -7.14 -23.00 15.32
C GLU B 153 -6.25 -24.17 14.93
N ILE B 154 -4.96 -23.89 14.80
CA ILE B 154 -3.96 -24.86 14.38
C ILE B 154 -3.12 -25.21 15.59
N GLU B 155 -3.00 -26.51 15.88
CA GLU B 155 -2.21 -26.99 17.00
C GLU B 155 -0.76 -26.54 16.90
N LEU B 156 -0.12 -26.37 18.07
CA LEU B 156 1.19 -25.75 18.22
C LEU B 156 2.24 -26.29 17.24
N GLU B 157 2.49 -27.60 17.24
CA GLU B 157 3.59 -28.11 16.43
C GLU B 157 3.29 -27.96 14.95
N CYS B 158 2.05 -28.24 14.54
CA CYS B 158 1.69 -28.10 13.14
C CYS B 158 1.78 -26.64 12.70
N GLY B 159 1.31 -25.72 13.54
CA GLY B 159 1.41 -24.30 13.22
C GLY B 159 2.85 -23.84 13.13
N THR B 160 3.69 -24.31 14.05
CA THR B 160 5.10 -23.94 14.03
C THR B 160 5.76 -24.42 12.74
N GLN B 161 5.53 -25.68 12.37
CA GLN B 161 6.13 -26.20 11.14
C GLN B 161 5.60 -25.48 9.92
N LEU B 162 4.32 -25.13 9.91
CA LEU B 162 3.75 -24.38 8.80
C LEU B 162 4.46 -23.04 8.65
N CYS B 163 4.66 -22.33 9.75
CA CYS B 163 5.30 -21.03 9.68
C CYS B 163 6.75 -21.16 9.21
N LEU B 164 7.42 -22.24 9.62
CA LEU B 164 8.82 -22.46 9.24
C LEU B 164 8.97 -22.77 7.74
N LEU B 165 7.89 -23.16 7.07
CA LEU B 165 7.94 -23.44 5.64
C LEU B 165 8.05 -22.17 4.79
N PHE B 166 7.57 -21.03 5.31
CA PHE B 166 7.56 -19.80 4.52
C PHE B 166 8.99 -19.36 4.23
N PRO B 167 9.23 -18.73 3.08
CA PRO B 167 10.57 -18.23 2.79
C PRO B 167 10.91 -17.06 3.68
N PRO B 168 12.20 -16.77 3.87
CA PRO B 168 12.59 -15.61 4.67
C PRO B 168 12.14 -14.33 3.97
N ASP B 169 11.73 -13.35 4.75
CA ASP B 169 11.24 -12.09 4.22
C ASP B 169 12.22 -10.99 4.60
N GLU B 170 12.95 -10.49 3.60
CA GLU B 170 13.97 -9.48 3.85
C GLU B 170 13.38 -8.12 4.15
N SER B 171 12.08 -7.93 3.96
CA SER B 171 11.46 -6.66 4.33
C SER B 171 11.08 -6.60 5.80
N ILE B 172 11.19 -7.70 6.53
CA ILE B 172 10.73 -7.79 7.91
C ILE B 172 11.94 -7.81 8.85
N ASP B 173 11.81 -7.09 9.96
CA ASP B 173 12.78 -7.11 11.06
C ASP B 173 12.03 -7.50 12.32
N LEU B 174 12.42 -8.62 12.93
CA LEU B 174 11.69 -9.12 14.10
C LEU B 174 12.02 -8.39 15.39
N TYR B 175 12.83 -7.34 15.34
CA TYR B 175 13.29 -6.69 16.57
C TYR B 175 12.13 -6.17 17.40
N GLN B 176 11.18 -5.50 16.77
CA GLN B 176 10.07 -4.93 17.53
C GLN B 176 9.18 -6.01 18.13
N VAL B 177 8.92 -7.08 17.38
CA VAL B 177 8.12 -8.19 17.90
C VAL B 177 8.78 -8.78 19.13
N ILE B 178 10.08 -9.08 19.03
CA ILE B 178 10.79 -9.68 20.15
C ILE B 178 10.73 -8.78 21.38
N HIS B 179 10.86 -7.47 21.17
CA HIS B 179 10.85 -6.53 22.29
C HIS B 179 9.51 -6.51 23.01
N LYS B 180 8.41 -6.67 22.27
CA LYS B 180 7.09 -6.57 22.88
C LYS B 180 6.58 -7.89 23.46
N MET B 181 7.32 -8.98 23.29
CA MET B 181 6.96 -10.24 23.93
C MET B 181 7.30 -10.21 25.41
C10 P0K C . 5.12 11.55 -21.27
C01 P0K C . 6.19 14.80 -22.35
C03 P0K C . 5.07 13.37 -23.89
C04 P0K C . 4.40 12.01 -24.07
C05 P0K C . 3.06 11.70 -23.86
C06 P0K C . 2.91 10.35 -24.10
C07 P0K C . 4.16 9.85 -24.44
C09 P0K C . 6.14 12.49 -21.91
C11 P0K C . 5.32 10.09 -21.25
C12 P0K C . 4.27 9.25 -20.61
C14 P0K C . 2.88 11.33 -20.11
N02 P0K C . 5.40 13.59 -22.49
N13 P0K C . 3.08 9.86 -20.06
N15 P0K C . 3.92 12.16 -20.75
O08 P0K C . 5.02 10.87 -24.41
O16 P0K C . 1.91 11.82 -19.64
O17 P0K C . 4.40 8.07 -20.57
S SO4 D . 0.86 2.74 -19.38
O1 SO4 D . 1.13 1.38 -19.82
O2 SO4 D . 1.51 2.96 -18.09
O3 SO4 D . -0.59 2.93 -19.25
O4 SO4 D . 1.37 3.69 -20.36
S SO4 E . -8.73 5.77 -11.90
O1 SO4 E . -7.60 6.71 -11.85
O2 SO4 E . -8.84 5.01 -10.66
O3 SO4 E . -8.51 4.88 -13.02
O4 SO4 E . -9.98 6.50 -12.15
S SO4 F . 6.38 26.54 6.69
S SO4 F . 7.23 25.87 5.37
O1 SO4 F . 5.60 27.19 7.74
O1 SO4 F . 6.61 26.90 6.18
O2 SO4 F . 7.60 25.96 7.25
O2 SO4 F . 8.57 25.59 5.88
O3 SO4 F . 6.79 27.54 5.71
O3 SO4 F . 7.31 26.24 3.96
O4 SO4 F . 5.61 25.49 6.02
O4 SO4 F . 6.38 24.67 5.49
C10 P0K G . -11.86 -10.57 6.12
C01 P0K G . -10.70 -7.18 6.57
C03 P0K G . -12.98 -7.71 6.94
C04 P0K G . -14.02 -8.83 6.90
C05 P0K G . -14.38 -9.65 7.95
C06 P0K G . -15.33 -10.53 7.46
C07 P0K G . -15.54 -10.24 6.12
C09 P0K G . -11.59 -9.16 5.60
C11 P0K G . -12.57 -11.58 5.31
C12 P0K G . -12.79 -12.90 5.93
C14 P0K G . -11.62 -12.13 8.08
N02 P0K G . -11.65 -8.26 6.73
N13 P0K G . -12.33 -13.16 7.28
N15 P0K G . -11.42 -10.82 7.46
O08 P0K G . -14.73 -9.21 5.81
O16 P0K G . -11.24 -12.35 9.17
O17 P0K G . -13.32 -13.76 5.34
C1 PEG H . 15.11 -9.54 13.94
O1 PEG H . 15.65 -8.42 14.56
C2 PEG H . 15.34 -9.57 12.43
O2 PEG H . 14.43 -10.45 11.80
C3 PEG H . 15.02 -11.57 11.19
C4 PEG H . 13.93 -12.61 10.89
O4 PEG H . 14.26 -13.84 11.48
S SO4 I . -16.06 -19.81 6.52
O1 SO4 I . -16.11 -18.37 6.75
O2 SO4 I . -15.38 -20.51 7.62
O3 SO4 I . -15.27 -19.98 5.32
O4 SO4 I . -17.39 -20.38 6.31
S SO4 J . 6.42 -13.37 -2.79
O1 SO4 J . 7.44 -14.29 -2.31
O2 SO4 J . 6.72 -12.04 -2.27
O3 SO4 J . 6.46 -13.32 -4.26
O4 SO4 J . 5.11 -13.80 -2.32
S SO4 K . -12.32 -1.55 23.07
O1 SO4 K . -11.75 -2.78 22.53
O2 SO4 K . -12.79 -1.81 24.43
O3 SO4 K . -11.32 -0.49 23.09
O4 SO4 K . -13.43 -1.13 22.23
S SO4 L . -13.10 -10.42 24.75
O1 SO4 L . -12.07 -9.46 25.15
O2 SO4 L . -12.72 -11.75 25.19
O3 SO4 L . -13.26 -10.40 23.29
O4 SO4 L . -14.38 -10.06 25.35
S SO4 M . -9.00 -9.46 -5.56
O1 SO4 M . -8.62 -8.28 -4.74
O2 SO4 M . -8.94 -10.72 -4.79
O3 SO4 M . -8.08 -9.58 -6.69
O4 SO4 M . -10.36 -9.29 -6.08
#